data_5ZV9
#
_entry.id   5ZV9
#
_cell.length_a   66.688
_cell.length_b   82.172
_cell.length_c   115.920
_cell.angle_alpha   90.00
_cell.angle_beta   90.00
_cell.angle_gamma   90.00
#
_symmetry.space_group_name_H-M   'P 21 21 21'
#
loop_
_entity.id
_entity.type
_entity.pdbx_description
1 polymer 'Major capsid protein VP1'
2 non-polymer GLYCEROL
3 water water
#
_entity_poly.entity_id   1
_entity_poly.type   'polypeptide(L)'
_entity_poly.pdbx_seq_one_letter_code
;SKTKPFTLPILTISELTNSRFPIPIEQLYTAPNENNVVQCQNGRCTLDGELQGTTQLLSSAVCSYRGRTVANSGDNWDQN
LLQLTYPSGASYDPTDEVPAPLGTQDFRGILYGVLTQDNVSEGTGEAKNAKGVYISTTSGKFTPKIGSIGLHSITENVHP
NQQSRFTPVGVAQNENTPFQQWVLPHYAGALALNTNLAPAVAPTFPGEQLLFFRSRVPCVQGLRGQDAFIDCLLPQEWVN
HFYQEAAPSQADVALIRYVNPDTGRTLFEAKLHRSGFITVSHTGAYPLVVPPNGHFRFDSWVNQFYSLAPMGTGNGR
;
_entity_poly.pdbx_strand_id   A,B
#
loop_
_chem_comp.id
_chem_comp.type
_chem_comp.name
_chem_comp.formula
GOL non-polymer GLYCEROL 'C3 H8 O3'
#
# COMPACT_ATOMS: atom_id res chain seq x y z
N LYS A 4 -9.55 18.77 21.11
CA LYS A 4 -8.54 18.73 20.02
C LYS A 4 -9.05 19.42 18.75
N PRO A 5 -8.24 20.35 18.19
CA PRO A 5 -8.63 21.03 16.94
C PRO A 5 -8.51 20.09 15.74
N PHE A 6 -9.43 20.26 14.78
CA PHE A 6 -9.44 19.48 13.55
C PHE A 6 -8.38 19.98 12.58
N THR A 7 -7.71 19.04 11.90
CA THR A 7 -6.70 19.37 10.88
C THR A 7 -6.76 18.39 9.72
N LEU A 8 -6.20 18.82 8.58
CA LEU A 8 -5.92 17.92 7.47
C LEU A 8 -4.42 17.63 7.46
N PRO A 9 -4.01 16.43 6.97
CA PRO A 9 -2.58 16.23 6.74
C PRO A 9 -2.13 17.17 5.61
N ILE A 10 -0.86 17.57 5.62
CA ILE A 10 -0.33 18.40 4.54
C ILE A 10 0.32 17.49 3.50
N LEU A 11 -0.44 17.19 2.46
CA LEU A 11 0.01 16.26 1.42
C LEU A 11 -0.39 16.79 0.06
N THR A 12 0.54 16.70 -0.90
CA THR A 12 0.24 17.10 -2.28
C THR A 12 -0.53 15.97 -2.97
N ILE A 13 -0.98 16.23 -4.20
CA ILE A 13 -1.75 15.25 -4.95
C ILE A 13 -0.99 13.92 -5.16
N SER A 14 0.32 14.02 -5.38
CA SER A 14 1.17 12.86 -5.61
C SER A 14 1.55 12.13 -4.31
N GLU A 15 1.11 12.66 -3.17
CA GLU A 15 1.40 12.07 -1.87
C GLU A 15 0.14 11.47 -1.23
N LEU A 16 -0.82 11.10 -2.07
CA LEU A 16 -2.10 10.55 -1.62
C LEU A 16 -2.39 9.21 -2.27
N THR A 17 -2.95 8.30 -1.49
CA THR A 17 -3.30 6.96 -1.95
C THR A 17 -4.81 6.81 -2.07
N ASN A 18 -5.25 6.21 -3.19
CA ASN A 18 -6.66 5.88 -3.33
C ASN A 18 -7.09 4.95 -2.21
N SER A 19 -8.25 5.22 -1.60
CA SER A 19 -8.75 4.39 -0.52
C SER A 19 -9.51 3.15 -1.01
N ARG A 20 -9.77 3.08 -2.32
CA ARG A 20 -10.54 1.98 -2.87
C ARG A 20 -9.69 0.97 -3.66
N PHE A 21 -8.43 1.32 -3.92
CA PHE A 21 -7.50 0.43 -4.61
C PHE A 21 -6.09 0.92 -4.29
N PRO A 22 -5.12 -0.01 -4.11
CA PRO A 22 -3.78 0.42 -3.65
C PRO A 22 -2.92 1.08 -4.74
N ILE A 23 -3.31 2.30 -5.12
CA ILE A 23 -2.61 3.08 -6.16
C ILE A 23 -2.70 4.56 -5.80
N PRO A 24 -1.74 5.38 -6.29
CA PRO A 24 -1.82 6.80 -5.95
C PRO A 24 -3.01 7.53 -6.57
N ILE A 25 -3.48 8.57 -5.87
CA ILE A 25 -4.41 9.54 -6.46
C ILE A 25 -3.69 10.28 -7.58
N GLU A 26 -4.38 10.47 -8.70
CA GLU A 26 -3.80 11.12 -9.88
C GLU A 26 -4.40 12.49 -10.14
N GLN A 27 -5.66 12.64 -9.78
CA GLN A 27 -6.34 13.92 -9.97
C GLN A 27 -7.59 14.08 -9.12
N LEU A 28 -8.05 15.32 -9.03
CA LEU A 28 -9.33 15.65 -8.43
C LEU A 28 -10.35 15.83 -9.54
N TYR A 29 -11.53 15.27 -9.35
CA TYR A 29 -12.52 15.21 -10.41
C TYR A 29 -13.90 15.44 -9.81
N THR A 30 -14.67 16.31 -10.44
CA THR A 30 -16.05 16.55 -10.04
C THR A 30 -17.02 16.20 -11.18
N ALA A 31 -18.17 15.64 -10.80
CA ALA A 31 -19.21 15.27 -11.76
C ALA A 31 -20.55 15.13 -11.03
N PRO A 32 -21.67 15.37 -11.74
CA PRO A 32 -22.99 15.13 -11.13
C PRO A 32 -23.16 13.62 -10.90
N ASN A 33 -23.99 13.24 -9.93
CA ASN A 33 -24.26 11.84 -9.64
C ASN A 33 -24.95 11.13 -10.81
N GLU A 34 -25.81 11.87 -11.51
CA GLU A 34 -26.67 11.32 -12.56
C GLU A 34 -27.37 10.06 -12.04
N ASN A 35 -27.20 8.93 -12.71
CA ASN A 35 -27.82 7.68 -12.27
C ASN A 35 -26.94 6.82 -11.37
N ASN A 36 -25.77 7.32 -11.01
CA ASN A 36 -24.90 6.60 -10.09
C ASN A 36 -25.38 6.74 -8.65
N VAL A 37 -25.42 5.62 -7.94
CA VAL A 37 -25.54 5.66 -6.49
C VAL A 37 -24.13 5.65 -5.93
N VAL A 38 -23.72 6.76 -5.32
CA VAL A 38 -22.37 6.90 -4.80
C VAL A 38 -22.33 6.36 -3.37
N GLN A 39 -21.98 5.09 -3.24
CA GLN A 39 -22.04 4.38 -1.94
C GLN A 39 -20.89 3.39 -1.77
N CYS A 40 -19.68 3.82 -2.13
CA CYS A 40 -18.48 3.01 -1.91
C CYS A 40 -18.28 2.72 -0.43
N GLN A 41 -17.64 1.60 -0.13
CA GLN A 41 -17.57 1.10 1.24
C GLN A 41 -16.16 1.20 1.81
N ASN A 42 -15.18 1.30 0.92
CA ASN A 42 -13.81 1.59 1.31
C ASN A 42 -13.55 3.09 1.24
N GLY A 43 -12.66 3.58 2.11
CA GLY A 43 -12.39 5.01 2.23
C GLY A 43 -13.55 5.79 2.83
N ARG A 44 -14.25 5.15 3.77
CA ARG A 44 -15.36 5.79 4.46
C ARG A 44 -15.03 6.01 5.93
N CYS A 45 -15.06 7.28 6.33
CA CYS A 45 -14.68 7.69 7.67
C CYS A 45 -15.25 9.07 7.95
N THR A 46 -15.82 9.25 9.14
CA THR A 46 -16.32 10.56 9.57
C THR A 46 -15.15 11.47 9.96
N LEU A 47 -15.40 12.79 9.98
CA LEU A 47 -14.35 13.75 10.31
C LEU A 47 -13.85 13.58 11.74
N ASP A 48 -14.71 13.01 12.61
CA ASP A 48 -14.29 12.75 13.99
C ASP A 48 -13.69 11.35 14.21
N GLY A 49 -13.42 10.62 13.12
CA GLY A 49 -12.61 9.40 13.17
C GLY A 49 -13.30 8.06 13.29
N GLU A 50 -14.57 8.02 12.91
CA GLU A 50 -15.33 6.78 12.94
C GLU A 50 -15.27 6.12 11.56
N LEU A 51 -14.60 4.97 11.48
CA LEU A 51 -14.53 4.20 10.23
C LEU A 51 -15.88 3.59 9.91
N GLN A 52 -16.22 3.51 8.62
CA GLN A 52 -17.52 2.97 8.19
C GLN A 52 -17.36 1.93 7.10
N GLY A 53 -18.44 1.23 6.77
CA GLY A 53 -18.44 0.25 5.69
C GLY A 53 -17.42 -0.84 5.89
N THR A 54 -16.59 -1.07 4.87
CA THR A 54 -15.54 -2.08 4.94
C THR A 54 -14.16 -1.44 5.15
N THR A 55 -14.16 -0.18 5.62
CA THR A 55 -12.93 0.60 5.71
C THR A 55 -12.01 0.17 6.86
N GLN A 56 -10.75 -0.07 6.51
CA GLN A 56 -9.68 -0.23 7.50
C GLN A 56 -8.51 0.67 7.13
N LEU A 57 -7.42 0.58 7.90
CA LEU A 57 -6.33 1.57 7.83
C LEU A 57 -5.25 1.30 6.78
N LEU A 58 -5.10 0.06 6.34
CA LEU A 58 -3.97 -0.29 5.48
C LEU A 58 -4.31 -0.35 3.98
N SER A 59 -3.66 0.51 3.20
CA SER A 59 -3.71 0.43 1.73
C SER A 59 -3.40 -0.97 1.23
N SER A 60 -2.46 -1.64 1.91
CA SER A 60 -2.02 -2.98 1.54
C SER A 60 -3.05 -4.07 1.82
N ALA A 61 -4.19 -3.70 2.39
CA ALA A 61 -5.28 -4.64 2.65
C ALA A 61 -6.47 -4.41 1.70
N VAL A 62 -6.46 -3.30 0.97
CA VAL A 62 -7.58 -2.95 0.10
C VAL A 62 -7.57 -3.82 -1.16
N CYS A 63 -8.67 -4.53 -1.39
CA CYS A 63 -8.77 -5.50 -2.50
C CYS A 63 -7.74 -6.64 -2.39
N SER A 64 -7.20 -6.84 -1.19
CA SER A 64 -6.41 -8.05 -0.94
C SER A 64 -7.29 -9.02 -0.16
N TYR A 65 -6.97 -10.31 -0.25
CA TYR A 65 -7.67 -11.35 0.47
C TYR A 65 -6.67 -12.35 1.01
N ARG A 66 -6.99 -12.94 2.16
CA ARG A 66 -6.15 -13.97 2.76
C ARG A 66 -7.04 -15.10 3.27
N GLY A 67 -6.52 -16.31 3.24
CA GLY A 67 -7.22 -17.44 3.85
C GLY A 67 -6.68 -18.78 3.42
N ARG A 68 -7.53 -19.80 3.44
CA ARG A 68 -7.14 -21.13 3.00
C ARG A 68 -7.96 -21.51 1.77
N THR A 69 -7.30 -22.06 0.76
CA THR A 69 -8.01 -22.48 -0.44
C THR A 69 -8.75 -23.79 -0.19
N VAL A 70 -9.88 -23.95 -0.85
CA VAL A 70 -10.58 -25.23 -0.89
C VAL A 70 -10.94 -25.54 -2.34
N ALA A 71 -10.84 -26.81 -2.72
CA ALA A 71 -11.14 -27.23 -4.08
C ALA A 71 -12.63 -26.99 -4.40
N ASN A 72 -12.91 -26.66 -5.66
CA ASN A 72 -14.27 -26.51 -6.14
C ASN A 72 -14.39 -27.27 -7.47
N SER A 73 -14.10 -28.57 -7.40
CA SER A 73 -14.03 -29.41 -8.59
C SER A 73 -15.30 -29.35 -9.43
N GLY A 74 -15.13 -29.31 -10.76
CA GLY A 74 -16.24 -29.30 -11.70
C GLY A 74 -16.69 -27.92 -12.13
N ASP A 75 -16.36 -26.92 -11.31
CA ASP A 75 -16.69 -25.54 -11.62
C ASP A 75 -15.64 -24.99 -12.58
N ASN A 76 -16.08 -24.61 -13.77
CA ASN A 76 -15.19 -24.22 -14.85
C ASN A 76 -14.75 -22.76 -14.78
N TRP A 77 -15.37 -22.00 -13.88
CA TRP A 77 -14.91 -20.64 -13.60
C TRP A 77 -14.09 -20.61 -12.32
N ASP A 78 -14.75 -20.72 -11.17
CA ASP A 78 -14.04 -20.78 -9.90
C ASP A 78 -13.62 -22.21 -9.56
N GLN A 79 -12.40 -22.59 -9.97
CA GLN A 79 -11.93 -23.97 -9.73
C GLN A 79 -11.59 -24.22 -8.26
N ASN A 80 -11.30 -23.14 -7.54
CA ASN A 80 -11.13 -23.18 -6.10
C ASN A 80 -11.85 -22.02 -5.44
N LEU A 81 -12.06 -22.15 -4.13
CA LEU A 81 -12.58 -21.05 -3.33
C LEU A 81 -11.50 -20.65 -2.32
N LEU A 82 -11.64 -19.46 -1.76
CA LEU A 82 -10.79 -19.01 -0.67
C LEU A 82 -11.63 -18.81 0.59
N GLN A 83 -11.36 -19.61 1.62
CA GLN A 83 -11.98 -19.44 2.93
C GLN A 83 -11.27 -18.29 3.65
N LEU A 84 -11.98 -17.18 3.81
CA LEU A 84 -11.36 -15.92 4.20
C LEU A 84 -11.09 -15.75 5.69
N THR A 85 -10.10 -14.91 5.98
CA THR A 85 -9.94 -14.26 7.26
C THR A 85 -9.95 -12.74 7.00
N TYR A 86 -9.74 -11.93 8.03
CA TYR A 86 -9.46 -10.51 7.81
C TYR A 86 -8.07 -10.39 7.17
N PRO A 87 -7.80 -9.28 6.46
CA PRO A 87 -6.47 -9.17 5.85
C PRO A 87 -5.33 -9.15 6.88
N SER A 88 -5.66 -8.85 8.14
CA SER A 88 -4.69 -8.90 9.23
C SER A 88 -4.30 -10.35 9.56
N GLY A 89 -5.16 -11.29 9.17
CA GLY A 89 -4.96 -12.70 9.50
C GLY A 89 -5.89 -13.15 10.60
N ALA A 90 -6.52 -12.18 11.28
CA ALA A 90 -7.49 -12.45 12.34
C ALA A 90 -8.73 -13.15 11.79
N SER A 91 -9.33 -13.98 12.64
CA SER A 91 -10.52 -14.75 12.28
C SER A 91 -11.67 -13.87 11.82
N TYR A 92 -12.33 -14.31 10.75
CA TYR A 92 -13.54 -13.64 10.28
C TYR A 92 -14.77 -14.53 10.49
N ASP A 93 -15.83 -13.91 11.00
CA ASP A 93 -17.13 -14.56 11.08
C ASP A 93 -18.22 -13.70 10.47
N PRO A 94 -19.15 -14.32 9.71
CA PRO A 94 -20.26 -13.61 9.10
C PRO A 94 -21.10 -12.77 10.07
N THR A 95 -21.07 -13.09 11.37
CA THR A 95 -21.85 -12.33 12.35
C THR A 95 -21.23 -10.99 12.71
N ASP A 96 -19.99 -10.75 12.26
CA ASP A 96 -19.33 -9.47 12.47
C ASP A 96 -20.16 -8.36 11.81
N GLU A 97 -20.31 -7.23 12.50
CA GLU A 97 -21.16 -6.13 12.02
C GLU A 97 -20.48 -5.31 10.93
N VAL A 98 -20.21 -5.95 9.80
CA VAL A 98 -19.58 -5.30 8.63
C VAL A 98 -20.26 -5.85 7.38
N PRO A 99 -20.18 -5.10 6.25
CA PRO A 99 -20.74 -5.64 5.00
C PRO A 99 -19.99 -6.87 4.48
N ALA A 100 -18.72 -6.98 4.86
CA ALA A 100 -17.80 -8.03 4.37
C ALA A 100 -16.46 -7.85 5.12
N PRO A 101 -15.49 -8.78 4.96
CA PRO A 101 -14.21 -8.56 5.62
C PRO A 101 -13.64 -7.20 5.20
N LEU A 102 -13.02 -6.50 6.15
CA LEU A 102 -12.51 -5.16 5.84
C LEU A 102 -11.54 -5.19 4.67
N GLY A 103 -11.67 -4.22 3.77
CA GLY A 103 -10.85 -4.19 2.56
C GLY A 103 -11.42 -4.91 1.35
N THR A 104 -12.51 -5.67 1.52
CA THR A 104 -13.18 -6.32 0.38
C THR A 104 -13.47 -5.32 -0.75
N GLN A 105 -13.30 -5.75 -2.00
CA GLN A 105 -13.61 -4.89 -3.15
C GLN A 105 -15.06 -4.34 -3.03
N ASP A 106 -15.24 -3.07 -3.36
CA ASP A 106 -16.56 -2.44 -3.27
C ASP A 106 -17.09 -2.03 -4.64
N PHE A 107 -16.67 -2.74 -5.67
CA PHE A 107 -17.14 -2.51 -7.04
C PHE A 107 -17.54 -3.82 -7.70
N ARG A 108 -18.54 -3.75 -8.56
CA ARG A 108 -19.00 -4.89 -9.34
C ARG A 108 -18.06 -5.10 -10.52
N GLY A 109 -17.71 -6.36 -10.76
CA GLY A 109 -16.88 -6.73 -11.89
C GLY A 109 -15.76 -7.68 -11.53
N ILE A 110 -14.70 -7.67 -12.33
CA ILE A 110 -13.58 -8.58 -12.14
C ILE A 110 -12.35 -7.88 -11.57
N LEU A 111 -11.91 -8.39 -10.42
CA LEU A 111 -10.65 -8.01 -9.80
C LEU A 111 -9.58 -9.00 -10.20
N TYR A 112 -8.46 -8.50 -10.70
CA TYR A 112 -7.33 -9.34 -11.08
C TYR A 112 -6.15 -9.20 -10.13
N GLY A 113 -5.49 -10.32 -9.83
CA GLY A 113 -4.28 -10.31 -9.04
C GLY A 113 -3.58 -11.65 -9.00
N VAL A 114 -2.61 -11.77 -8.09
CA VAL A 114 -1.79 -12.96 -8.02
C VAL A 114 -1.95 -13.65 -6.67
N LEU A 115 -2.30 -14.93 -6.72
CA LEU A 115 -2.36 -15.76 -5.51
C LEU A 115 -1.01 -16.42 -5.26
N THR A 116 -0.51 -16.31 -4.04
CA THR A 116 0.71 -17.03 -3.65
C THR A 116 0.35 -17.99 -2.53
N GLN A 117 1.00 -19.16 -2.53
CA GLN A 117 0.64 -20.25 -1.61
C GLN A 117 1.90 -20.81 -0.94
N ASP A 118 1.93 -22.12 -0.68
CA ASP A 118 3.12 -22.78 -0.12
C ASP A 118 4.32 -22.58 -1.06
N ASN A 119 5.46 -22.22 -0.49
CA ASN A 119 6.70 -22.11 -1.27
C ASN A 119 7.07 -23.43 -1.93
N VAL A 120 7.62 -23.33 -3.14
CA VAL A 120 8.05 -24.50 -3.90
C VAL A 120 9.58 -24.47 -4.03
N SER A 121 10.18 -25.62 -4.30
CA SER A 121 11.63 -25.70 -4.50
C SER A 121 12.06 -24.83 -5.67
N GLU A 122 13.32 -24.41 -5.64
CA GLU A 122 13.93 -23.64 -6.72
C GLU A 122 13.77 -24.35 -8.07
N GLY A 123 13.99 -25.67 -8.05
CA GLY A 123 13.95 -26.49 -9.26
C GLY A 123 12.58 -26.67 -9.89
N THR A 124 11.52 -26.26 -9.17
CA THR A 124 10.15 -26.37 -9.67
C THR A 124 9.90 -25.45 -10.86
N GLY A 125 10.63 -24.35 -10.92
CA GLY A 125 10.58 -23.44 -12.08
C GLY A 125 10.24 -22.01 -11.70
N GLU A 126 10.16 -21.16 -12.72
CA GLU A 126 9.96 -19.73 -12.53
C GLU A 126 8.54 -19.40 -12.11
N ALA A 127 8.44 -18.68 -10.98
CA ALA A 127 7.17 -18.19 -10.45
C ALA A 127 6.08 -19.27 -10.42
N LYS A 128 6.45 -20.47 -10.01
CA LYS A 128 5.49 -21.57 -9.90
C LYS A 128 4.60 -21.46 -8.67
N ASN A 129 4.99 -20.61 -7.73
CA ASN A 129 4.12 -20.25 -6.61
C ASN A 129 3.51 -18.85 -6.83
N ALA A 130 3.14 -18.57 -8.08
CA ALA A 130 2.40 -17.37 -8.41
C ALA A 130 1.31 -17.77 -9.40
N LYS A 131 0.06 -17.57 -9.00
CA LYS A 131 -1.08 -17.94 -9.84
C LYS A 131 -1.93 -16.72 -10.14
N GLY A 132 -1.99 -16.35 -11.43
CA GLY A 132 -2.89 -15.29 -11.87
C GLY A 132 -4.33 -15.73 -11.66
N VAL A 133 -5.12 -14.89 -10.98
CA VAL A 133 -6.52 -15.22 -10.71
C VAL A 133 -7.49 -14.05 -10.95
N TYR A 134 -8.70 -14.39 -11.39
CA TYR A 134 -9.82 -13.45 -11.47
C TYR A 134 -10.76 -13.71 -10.29
N ILE A 135 -11.11 -12.63 -9.59
CA ILE A 135 -12.16 -12.67 -8.58
C ILE A 135 -13.33 -11.82 -9.11
N SER A 136 -14.37 -12.51 -9.59
CA SER A 136 -15.51 -11.84 -10.22
C SER A 136 -16.69 -11.78 -9.27
N THR A 137 -17.30 -10.60 -9.15
CA THR A 137 -18.48 -10.43 -8.28
C THR A 137 -19.76 -11.03 -8.89
N THR A 138 -19.74 -11.29 -10.19
CA THR A 138 -20.93 -11.86 -10.84
C THR A 138 -20.99 -13.38 -10.70
N SER A 139 -19.89 -13.95 -10.20
CA SER A 139 -19.85 -15.37 -9.85
C SER A 139 -20.74 -15.62 -8.62
N GLY A 140 -21.52 -16.70 -8.68
CA GLY A 140 -22.29 -17.14 -7.52
C GLY A 140 -21.43 -17.54 -6.34
N LYS A 141 -20.11 -17.56 -6.54
CA LYS A 141 -19.18 -17.89 -5.46
C LYS A 141 -18.59 -16.65 -4.78
N PHE A 142 -18.94 -15.46 -5.29
CA PHE A 142 -18.48 -14.25 -4.60
C PHE A 142 -19.38 -13.92 -3.42
N THR A 143 -19.02 -14.46 -2.25
CA THR A 143 -19.80 -14.28 -1.05
C THR A 143 -18.90 -13.96 0.17
N PRO A 144 -18.11 -12.87 0.09
CA PRO A 144 -17.15 -12.55 1.16
C PRO A 144 -17.78 -12.37 2.53
N LYS A 145 -19.00 -11.83 2.58
CA LYS A 145 -19.74 -11.66 3.85
C LYS A 145 -19.88 -12.99 4.59
N ILE A 146 -20.12 -14.07 3.87
CA ILE A 146 -20.23 -15.39 4.51
C ILE A 146 -18.87 -16.12 4.56
N GLY A 147 -17.81 -15.39 4.23
CA GLY A 147 -16.44 -15.86 4.43
C GLY A 147 -15.81 -16.65 3.29
N SER A 148 -16.37 -16.55 2.08
CA SER A 148 -15.83 -17.29 0.95
C SER A 148 -15.92 -16.52 -0.38
N ILE A 149 -14.87 -16.63 -1.19
CA ILE A 149 -14.86 -16.06 -2.54
C ILE A 149 -14.34 -17.08 -3.55
N GLY A 150 -14.78 -16.95 -4.79
CA GLY A 150 -14.33 -17.85 -5.85
C GLY A 150 -13.09 -17.35 -6.54
N LEU A 151 -12.15 -18.27 -6.79
CA LEU A 151 -10.92 -17.94 -7.52
C LEU A 151 -10.95 -18.59 -8.90
N HIS A 152 -10.91 -17.77 -9.94
CA HIS A 152 -10.72 -18.28 -11.29
C HIS A 152 -9.27 -18.17 -11.71
N SER A 153 -8.59 -19.32 -11.80
CA SER A 153 -7.19 -19.32 -12.20
C SER A 153 -7.08 -19.15 -13.72
N ILE A 154 -6.11 -18.34 -14.14
CA ILE A 154 -5.97 -18.03 -15.56
C ILE A 154 -5.16 -19.10 -16.30
N THR A 155 -4.01 -19.46 -15.74
CA THR A 155 -3.12 -20.45 -16.35
C THR A 155 -2.99 -21.70 -15.46
N GLU A 156 -2.06 -21.65 -14.51
CA GLU A 156 -1.76 -22.80 -13.65
C GLU A 156 -2.84 -23.01 -12.61
N ASN A 157 -3.05 -24.27 -12.22
CA ASN A 157 -3.99 -24.62 -11.16
C ASN A 157 -3.56 -24.08 -9.80
N VAL A 158 -4.50 -23.42 -9.13
CA VAL A 158 -4.38 -23.08 -7.72
C VAL A 158 -4.51 -24.38 -6.92
N HIS A 159 -3.67 -24.55 -5.91
CA HIS A 159 -3.72 -25.75 -5.05
C HIS A 159 -4.73 -25.58 -3.93
N PRO A 160 -5.51 -26.63 -3.64
CA PRO A 160 -6.43 -26.58 -2.51
C PRO A 160 -5.69 -26.80 -1.18
N ASN A 161 -6.33 -26.45 -0.07
CA ASN A 161 -5.81 -26.70 1.28
C ASN A 161 -4.44 -26.08 1.57
N GLN A 162 -4.23 -24.87 1.07
CA GLN A 162 -3.00 -24.14 1.34
C GLN A 162 -3.32 -22.73 1.79
N GLN A 163 -2.58 -22.25 2.80
CA GLN A 163 -2.66 -20.87 3.26
C GLN A 163 -2.21 -19.98 2.12
N SER A 164 -3.08 -19.06 1.73
CA SER A 164 -2.89 -18.31 0.49
C SER A 164 -3.17 -16.83 0.66
N ARG A 165 -2.43 -16.03 -0.10
CA ARG A 165 -2.60 -14.58 -0.12
C ARG A 165 -2.88 -14.14 -1.54
N PHE A 166 -3.88 -13.29 -1.69
CA PHE A 166 -4.18 -12.65 -2.97
C PHE A 166 -3.68 -11.21 -2.97
N THR A 167 -2.81 -10.89 -3.92
CA THR A 167 -2.29 -9.52 -4.10
C THR A 167 -2.96 -8.88 -5.31
N PRO A 168 -3.72 -7.79 -5.12
CA PRO A 168 -4.43 -7.18 -6.25
C PRO A 168 -3.47 -6.47 -7.21
N VAL A 169 -3.78 -6.52 -8.51
CA VAL A 169 -2.97 -5.82 -9.51
C VAL A 169 -3.82 -4.83 -10.31
N GLY A 170 -5.01 -5.27 -10.70
CA GLY A 170 -5.91 -4.37 -11.41
C GLY A 170 -7.30 -4.95 -11.56
N VAL A 171 -8.03 -4.42 -12.53
CA VAL A 171 -9.35 -4.96 -12.87
C VAL A 171 -9.30 -5.59 -14.26
N ALA A 172 -10.42 -6.20 -14.63
CA ALA A 172 -10.56 -6.77 -15.95
C ALA A 172 -12.01 -6.64 -16.36
N GLN A 173 -12.23 -6.60 -17.67
CA GLN A 173 -13.55 -6.62 -18.24
C GLN A 173 -13.53 -7.67 -19.32
N ASN A 174 -14.39 -8.68 -19.17
CA ASN A 174 -14.57 -9.67 -20.24
C ASN A 174 -15.88 -9.41 -20.98
N GLU A 175 -16.21 -10.29 -21.92
CA GLU A 175 -17.34 -10.10 -22.82
C GLU A 175 -18.70 -9.89 -22.14
N ASN A 176 -18.85 -10.37 -20.90
CA ASN A 176 -20.12 -10.28 -20.19
C ASN A 176 -20.07 -9.74 -18.76
N THR A 177 -18.91 -9.21 -18.36
CA THR A 177 -18.75 -8.67 -17.02
C THR A 177 -18.17 -7.24 -17.07
N PRO A 178 -19.05 -6.23 -17.15
CA PRO A 178 -18.59 -4.85 -17.16
C PRO A 178 -18.04 -4.44 -15.79
N PHE A 179 -17.04 -3.56 -15.80
CA PHE A 179 -16.50 -2.98 -14.57
C PHE A 179 -17.37 -1.79 -14.17
N GLN A 180 -18.01 -1.89 -13.00
CA GLN A 180 -19.00 -0.90 -12.56
C GLN A 180 -18.66 -0.39 -11.15
N GLN A 181 -17.92 0.72 -11.09
CA GLN A 181 -17.35 1.17 -9.82
C GLN A 181 -18.36 1.65 -8.78
N TRP A 182 -19.57 2.01 -9.25
CA TRP A 182 -20.62 2.52 -8.35
C TRP A 182 -21.74 1.53 -8.07
N VAL A 183 -21.57 0.29 -8.53
CA VAL A 183 -22.51 -0.78 -8.21
C VAL A 183 -21.86 -1.71 -7.19
N LEU A 184 -22.41 -1.73 -5.98
CA LEU A 184 -21.85 -2.58 -4.93
C LEU A 184 -22.03 -4.06 -5.25
N PRO A 185 -21.05 -4.90 -4.87
CA PRO A 185 -21.26 -6.34 -4.95
C PRO A 185 -22.40 -6.76 -4.03
N HIS A 186 -23.03 -7.90 -4.32
CA HIS A 186 -23.89 -8.56 -3.34
C HIS A 186 -22.96 -9.36 -2.43
N TYR A 187 -22.63 -8.80 -1.28
CA TYR A 187 -21.58 -9.36 -0.43
C TYR A 187 -21.87 -10.77 0.07
N ALA A 188 -23.15 -11.13 0.16
CA ALA A 188 -23.56 -12.48 0.56
C ALA A 188 -24.24 -13.26 -0.57
N GLY A 189 -24.04 -12.81 -1.80
CA GLY A 189 -24.66 -13.44 -2.97
C GLY A 189 -26.00 -12.83 -3.29
N ALA A 190 -26.48 -13.07 -4.50
CA ALA A 190 -27.65 -12.39 -5.07
C ALA A 190 -28.97 -12.60 -4.31
N LEU A 191 -29.05 -13.65 -3.49
CA LEU A 191 -30.27 -13.94 -2.73
C LEU A 191 -30.33 -13.25 -1.37
N ALA A 192 -29.31 -12.46 -1.05
CA ALA A 192 -29.22 -11.81 0.25
C ALA A 192 -28.94 -10.33 0.13
N LEU A 193 -29.53 -9.54 1.02
CA LEU A 193 -29.32 -8.09 1.04
C LEU A 193 -27.99 -7.76 1.72
N ASN A 194 -27.34 -6.69 1.28
CA ASN A 194 -26.15 -6.19 1.98
C ASN A 194 -26.51 -5.63 3.35
N THR A 195 -25.57 -5.70 4.28
CA THR A 195 -25.76 -5.20 5.64
C THR A 195 -24.67 -4.21 6.01
N ASN A 196 -24.92 -3.43 7.06
CA ASN A 196 -23.91 -2.57 7.70
C ASN A 196 -23.24 -1.56 6.75
N LEU A 197 -23.98 -1.09 5.75
CA LEU A 197 -23.39 -0.21 4.73
C LEU A 197 -23.17 1.23 5.21
N ALA A 198 -22.04 1.80 4.83
CA ALA A 198 -21.85 3.24 4.90
C ALA A 198 -22.87 3.87 3.92
N PRO A 199 -23.48 5.00 4.29
CA PRO A 199 -24.57 5.51 3.47
C PRO A 199 -24.14 6.07 2.12
N ALA A 200 -25.08 6.13 1.17
CA ALA A 200 -24.87 6.81 -0.11
C ALA A 200 -24.77 8.30 0.13
N VAL A 201 -24.01 8.99 -0.72
CA VAL A 201 -23.78 10.42 -0.58
C VAL A 201 -24.16 11.18 -1.85
N ALA A 202 -24.65 12.41 -1.67
CA ALA A 202 -25.06 13.24 -2.79
C ALA A 202 -25.04 14.72 -2.39
N PRO A 203 -24.89 15.63 -3.38
CA PRO A 203 -24.99 17.05 -3.04
C PRO A 203 -26.46 17.45 -2.85
N THR A 204 -26.73 18.30 -1.87
CA THR A 204 -28.09 18.80 -1.62
C THR A 204 -28.20 20.31 -1.77
N PHE A 205 -27.06 21.00 -1.70
CA PHE A 205 -27.03 22.44 -1.86
C PHE A 205 -26.99 22.77 -3.35
N PRO A 206 -27.89 23.66 -3.82
CA PRO A 206 -27.95 23.95 -5.25
C PRO A 206 -26.61 24.40 -5.80
N GLY A 207 -26.23 23.86 -6.97
CA GLY A 207 -24.99 24.23 -7.64
C GLY A 207 -23.79 23.41 -7.24
N GLU A 208 -23.97 22.52 -6.27
CA GLU A 208 -22.87 21.69 -5.76
C GLU A 208 -22.81 20.29 -6.38
N GLN A 209 -21.59 19.75 -6.45
CA GLN A 209 -21.32 18.40 -6.88
C GLN A 209 -20.30 17.77 -5.95
N LEU A 210 -20.32 16.44 -5.88
CA LEU A 210 -19.26 15.72 -5.21
C LEU A 210 -17.92 15.98 -5.90
N LEU A 211 -16.86 16.01 -5.10
CA LEU A 211 -15.49 16.03 -5.59
C LEU A 211 -14.84 14.71 -5.24
N PHE A 212 -14.21 14.08 -6.23
CA PHE A 212 -13.58 12.78 -6.07
C PHE A 212 -12.07 12.86 -6.17
N PHE A 213 -11.41 11.94 -5.48
CA PHE A 213 -9.99 11.66 -5.64
C PHE A 213 -9.88 10.48 -6.62
N ARG A 214 -9.39 10.76 -7.81
CA ARG A 214 -9.47 9.84 -8.95
C ARG A 214 -8.14 9.14 -9.27
N SER A 215 -8.21 7.83 -9.54
CA SER A 215 -7.05 7.10 -10.04
C SER A 215 -7.44 6.28 -11.26
N ARG A 216 -6.46 5.95 -12.08
CA ARG A 216 -6.63 4.97 -13.15
C ARG A 216 -6.12 3.62 -12.64
N VAL A 217 -7.00 2.63 -12.60
CA VAL A 217 -6.59 1.29 -12.18
C VAL A 217 -6.14 0.49 -13.40
N PRO A 218 -5.01 -0.24 -13.30
CA PRO A 218 -4.58 -1.07 -14.43
C PRO A 218 -5.69 -2.02 -14.85
N CYS A 219 -5.87 -2.19 -16.16
CA CYS A 219 -6.87 -3.11 -16.64
C CYS A 219 -6.22 -4.16 -17.53
N VAL A 220 -6.33 -5.42 -17.11
CA VAL A 220 -5.56 -6.51 -17.70
C VAL A 220 -6.30 -7.22 -18.84
N GLN A 221 -7.58 -6.87 -19.01
CA GLN A 221 -8.41 -7.33 -20.12
C GLN A 221 -9.54 -6.34 -20.34
N GLY A 222 -9.70 -5.89 -21.57
CA GLY A 222 -10.78 -4.98 -21.93
C GLY A 222 -10.43 -3.52 -21.76
N LEU A 223 -11.39 -2.65 -22.09
CA LEU A 223 -11.24 -1.20 -21.98
C LEU A 223 -10.11 -0.64 -22.85
N ARG A 224 -9.95 -1.22 -24.04
CA ARG A 224 -8.99 -0.73 -25.03
C ARG A 224 -9.31 0.73 -25.33
N GLY A 225 -8.26 1.57 -25.32
CA GLY A 225 -8.42 3.01 -25.57
C GLY A 225 -9.31 3.73 -24.56
N GLN A 226 -9.48 3.11 -23.40
CA GLN A 226 -10.30 3.67 -22.32
C GLN A 226 -9.55 3.49 -21.00
N ASP A 227 -9.99 4.19 -19.96
CA ASP A 227 -9.35 4.04 -18.66
C ASP A 227 -10.33 3.48 -17.64
N ALA A 228 -9.87 2.51 -16.87
CA ALA A 228 -10.63 2.03 -15.72
C ALA A 228 -10.38 3.01 -14.57
N PHE A 229 -11.36 3.89 -14.33
CA PHE A 229 -11.23 4.86 -13.25
C PHE A 229 -11.76 4.28 -11.94
N ILE A 230 -11.06 4.55 -10.85
CA ILE A 230 -11.66 4.32 -9.54
C ILE A 230 -11.61 5.62 -8.71
N ASP A 231 -12.78 6.04 -8.28
CA ASP A 231 -12.97 7.34 -7.63
C ASP A 231 -13.30 7.15 -6.15
N CYS A 232 -12.51 7.76 -5.28
CA CYS A 232 -12.79 7.62 -3.84
C CYS A 232 -13.20 8.95 -3.22
N LEU A 233 -13.89 8.88 -2.09
CA LEU A 233 -14.42 10.08 -1.43
C LEU A 233 -13.38 10.72 -0.53
N LEU A 234 -12.47 9.90 -0.03
CA LEU A 234 -11.37 10.38 0.82
C LEU A 234 -10.12 9.55 0.52
N PRO A 235 -8.95 10.21 0.46
CA PRO A 235 -7.72 9.42 0.33
C PRO A 235 -7.50 8.60 1.60
N GLN A 236 -6.71 7.52 1.49
CA GLN A 236 -6.44 6.68 2.66
C GLN A 236 -5.78 7.50 3.76
N GLU A 237 -4.93 8.44 3.38
CA GLU A 237 -4.19 9.27 4.32
C GLU A 237 -5.11 10.15 5.16
N TRP A 238 -6.19 10.61 4.56
CA TRP A 238 -7.18 11.43 5.28
C TRP A 238 -7.95 10.55 6.25
N VAL A 239 -8.40 9.39 5.77
CA VAL A 239 -9.05 8.40 6.63
C VAL A 239 -8.19 8.14 7.88
N ASN A 240 -6.91 7.82 7.65
CA ASN A 240 -6.02 7.43 8.73
C ASN A 240 -5.78 8.60 9.69
N HIS A 241 -5.70 9.80 9.15
CA HIS A 241 -5.49 11.01 9.95
C HIS A 241 -6.68 11.29 10.87
N PHE A 242 -7.90 11.21 10.33
CA PHE A 242 -9.11 11.42 11.13
C PHE A 242 -9.23 10.35 12.22
N TYR A 243 -8.90 9.11 11.86
CA TYR A 243 -8.88 8.01 12.83
C TYR A 243 -7.89 8.25 13.98
N GLN A 244 -6.67 8.72 13.65
CA GLN A 244 -5.67 9.08 14.65
C GLN A 244 -6.11 10.21 15.56
N GLU A 245 -6.59 11.29 14.94
CA GLU A 245 -6.88 12.53 15.64
C GLU A 245 -8.16 12.44 16.48
N ALA A 246 -9.20 11.85 15.89
CA ALA A 246 -10.53 11.79 16.50
C ALA A 246 -10.96 13.15 17.08
N ALA A 247 -10.72 14.21 16.30
CA ALA A 247 -11.05 15.56 16.72
C ALA A 247 -12.57 15.74 16.63
N PRO A 248 -13.20 16.26 17.70
CA PRO A 248 -14.65 16.48 17.67
C PRO A 248 -15.05 17.46 16.56
N SER A 249 -16.07 17.09 15.79
CA SER A 249 -16.61 17.96 14.75
C SER A 249 -17.41 19.09 15.39
N GLN A 250 -17.03 20.34 15.08
CA GLN A 250 -17.65 21.52 15.68
C GLN A 250 -18.85 22.03 14.89
N ALA A 251 -19.03 21.52 13.68
CA ALA A 251 -20.16 21.86 12.82
C ALA A 251 -20.32 20.79 11.75
N ASP A 252 -21.34 20.93 10.91
CA ASP A 252 -21.63 19.94 9.87
C ASP A 252 -20.61 19.93 8.74
N VAL A 253 -19.90 21.05 8.56
CA VAL A 253 -19.00 21.20 7.42
C VAL A 253 -17.68 21.87 7.80
N ALA A 254 -16.60 21.31 7.28
CA ALA A 254 -15.29 21.93 7.35
C ALA A 254 -14.98 22.62 6.02
N LEU A 255 -14.89 23.95 6.04
CA LEU A 255 -14.48 24.70 4.86
C LEU A 255 -12.99 24.44 4.61
N ILE A 256 -12.69 23.92 3.42
CA ILE A 256 -11.31 23.60 3.05
C ILE A 256 -10.90 24.32 1.76
N ARG A 257 -9.64 24.75 1.72
CA ARG A 257 -9.12 25.48 0.58
C ARG A 257 -7.87 24.84 0.03
N TYR A 258 -7.78 24.80 -1.30
CA TYR A 258 -6.60 24.29 -1.98
C TYR A 258 -5.64 25.45 -2.20
N VAL A 259 -4.50 25.38 -1.53
CA VAL A 259 -3.54 26.48 -1.53
C VAL A 259 -2.25 26.09 -2.25
N ASN A 260 -1.61 27.08 -2.85
CA ASN A 260 -0.30 26.90 -3.45
C ASN A 260 0.70 27.62 -2.55
N PRO A 261 1.43 26.86 -1.71
CA PRO A 261 2.34 27.47 -0.73
C PRO A 261 3.48 28.27 -1.37
N ASP A 262 3.77 27.99 -2.64
CA ASP A 262 4.78 28.73 -3.40
C ASP A 262 4.33 30.14 -3.74
N THR A 263 3.01 30.34 -3.91
CA THR A 263 2.43 31.66 -4.19
C THR A 263 1.58 32.20 -3.03
N GLY A 264 1.20 31.31 -2.11
CA GLY A 264 0.36 31.67 -0.97
C GLY A 264 -1.06 32.07 -1.33
N ARG A 265 -1.55 31.61 -2.47
CA ARG A 265 -2.89 31.94 -2.95
C ARG A 265 -3.81 30.72 -2.90
N THR A 266 -5.10 30.96 -2.71
CA THR A 266 -6.12 29.92 -2.74
C THR A 266 -6.61 29.70 -4.17
N LEU A 267 -6.57 28.45 -4.62
CA LEU A 267 -6.92 28.13 -5.99
C LEU A 267 -8.41 27.85 -6.15
N PHE A 268 -8.96 27.08 -5.22
CA PHE A 268 -10.40 26.86 -5.12
C PHE A 268 -10.74 26.48 -3.69
N GLU A 269 -12.04 26.44 -3.36
CA GLU A 269 -12.48 26.01 -2.04
C GLU A 269 -13.57 24.94 -2.13
N ALA A 270 -13.78 24.23 -1.02
CA ALA A 270 -14.65 23.07 -1.02
C ALA A 270 -15.28 22.86 0.35
N LYS A 271 -16.39 22.13 0.40
CA LYS A 271 -17.02 21.79 1.66
C LYS A 271 -16.75 20.34 2.03
N LEU A 272 -16.08 20.13 3.16
CA LEU A 272 -15.81 18.78 3.68
C LEU A 272 -16.83 18.42 4.76
N HIS A 273 -17.77 17.54 4.40
CA HIS A 273 -18.88 17.22 5.27
C HIS A 273 -18.46 16.30 6.41
N ARG A 274 -19.12 16.43 7.55
CA ARG A 274 -18.74 15.70 8.76
C ARG A 274 -18.78 14.18 8.58
N SER A 275 -19.62 13.70 7.67
CA SER A 275 -19.71 12.27 7.41
C SER A 275 -18.60 11.75 6.48
N GLY A 276 -17.79 12.66 5.94
CA GLY A 276 -16.57 12.26 5.20
C GLY A 276 -16.69 12.22 3.70
N PHE A 277 -17.08 13.35 3.11
CA PHE A 277 -17.05 13.54 1.66
C PHE A 277 -16.98 15.04 1.34
N ILE A 278 -16.65 15.36 0.09
CA ILE A 278 -16.42 16.74 -0.32
C ILE A 278 -17.39 17.18 -1.41
N THR A 279 -17.86 18.42 -1.32
CA THR A 279 -18.59 19.03 -2.44
C THR A 279 -17.89 20.31 -2.90
N VAL A 280 -18.05 20.62 -4.18
CA VAL A 280 -17.57 21.88 -4.77
C VAL A 280 -18.72 22.58 -5.48
N SER A 281 -18.55 23.86 -5.77
CA SER A 281 -19.54 24.58 -6.58
C SER A 281 -19.16 24.48 -8.05
N HIS A 282 -19.82 23.57 -8.76
CA HIS A 282 -19.61 23.39 -10.20
C HIS A 282 -20.73 22.59 -10.87
N THR A 283 -20.98 22.85 -12.14
CA THR A 283 -21.94 22.09 -12.93
C THR A 283 -21.24 21.42 -14.12
N GLY A 284 -21.28 20.09 -14.15
CA GLY A 284 -20.68 19.31 -15.23
C GLY A 284 -19.50 18.47 -14.80
N ALA A 285 -19.17 17.48 -15.62
CA ALA A 285 -17.98 16.64 -15.42
C ALA A 285 -16.73 17.46 -15.71
N TYR A 286 -15.78 17.48 -14.77
CA TYR A 286 -14.60 18.35 -14.89
C TYR A 286 -13.40 17.88 -14.08
N PRO A 287 -12.26 17.65 -14.76
CA PRO A 287 -10.98 17.39 -14.10
C PRO A 287 -10.32 18.69 -13.66
N LEU A 288 -10.01 18.81 -12.37
CA LEU A 288 -9.46 20.04 -11.84
C LEU A 288 -7.99 20.18 -12.20
N VAL A 289 -7.56 21.42 -12.42
CA VAL A 289 -6.13 21.71 -12.54
C VAL A 289 -5.60 22.04 -11.15
N VAL A 290 -4.78 21.16 -10.60
CA VAL A 290 -4.13 21.46 -9.32
C VAL A 290 -2.61 21.57 -9.53
N PRO A 291 -1.99 22.56 -8.87
CA PRO A 291 -0.53 22.66 -8.91
C PRO A 291 0.09 21.50 -8.14
N PRO A 292 1.22 20.96 -8.65
CA PRO A 292 1.87 19.80 -8.04
C PRO A 292 2.29 20.00 -6.58
N ASN A 293 2.60 21.23 -6.19
CA ASN A 293 3.02 21.51 -4.81
C ASN A 293 1.89 22.01 -3.92
N GLY A 294 0.68 22.10 -4.47
CA GLY A 294 -0.47 22.59 -3.74
C GLY A 294 -1.00 21.54 -2.77
N HIS A 295 -1.84 21.97 -1.82
CA HIS A 295 -2.51 21.04 -0.90
C HIS A 295 -3.78 21.62 -0.31
N PHE A 296 -4.70 20.74 0.07
CA PHE A 296 -5.88 21.14 0.83
C PHE A 296 -5.46 21.53 2.23
N ARG A 297 -6.10 22.56 2.79
CA ARG A 297 -5.95 22.90 4.20
C ARG A 297 -7.30 23.23 4.81
N PHE A 298 -7.43 22.92 6.11
CA PHE A 298 -8.62 23.29 6.87
C PHE A 298 -8.64 24.79 7.09
N ASP A 299 -9.75 25.42 6.71
CA ASP A 299 -9.90 26.85 6.89
C ASP A 299 -10.69 27.15 8.17
N SER A 300 -11.91 26.63 8.25
CA SER A 300 -12.82 26.93 9.36
C SER A 300 -14.05 26.04 9.33
N TRP A 301 -14.70 25.91 10.49
CA TRP A 301 -15.98 25.22 10.60
C TRP A 301 -17.10 26.10 10.11
N VAL A 302 -17.95 25.55 9.25
CA VAL A 302 -19.14 26.24 8.75
C VAL A 302 -20.34 25.30 8.78
N ASN A 303 -21.52 25.80 8.42
CA ASN A 303 -22.70 24.94 8.29
C ASN A 303 -22.94 24.49 6.85
N GLN A 304 -23.93 23.63 6.64
CA GLN A 304 -24.26 23.08 5.31
C GLN A 304 -24.73 24.14 4.31
N PHE A 305 -25.01 25.35 4.79
CA PHE A 305 -25.57 26.41 3.95
C PHE A 305 -24.50 27.36 3.40
N TYR A 306 -23.23 27.07 3.70
CA TYR A 306 -22.12 27.89 3.20
C TYR A 306 -22.10 27.88 1.67
N SER A 307 -22.09 29.08 1.08
CA SER A 307 -22.09 29.22 -0.37
C SER A 307 -20.67 29.38 -0.91
N LEU A 308 -20.19 28.30 -1.55
CA LEU A 308 -18.83 28.26 -2.08
C LEU A 308 -18.65 29.14 -3.29
N ALA A 309 -17.45 29.73 -3.41
CA ALA A 309 -17.04 30.38 -4.65
C ALA A 309 -17.03 29.34 -5.78
N PRO A 310 -17.67 29.65 -6.91
CA PRO A 310 -17.64 28.72 -8.05
C PRO A 310 -16.20 28.29 -8.35
N MET A 311 -16.02 26.99 -8.55
CA MET A 311 -14.69 26.43 -8.74
C MET A 311 -14.30 26.45 -10.21
N THR B 3 9.40 23.68 22.45
CA THR B 3 9.34 23.18 21.05
C THR B 3 8.18 22.22 20.84
N LYS B 4 7.85 21.94 19.58
CA LYS B 4 6.79 20.99 19.23
C LYS B 4 7.10 19.59 19.78
N PRO B 5 6.21 19.04 20.64
CA PRO B 5 6.48 17.72 21.22
C PRO B 5 6.53 16.60 20.19
N PHE B 6 7.47 15.69 20.38
CA PHE B 6 7.58 14.49 19.55
C PHE B 6 6.52 13.47 19.98
N THR B 7 5.94 12.78 18.99
CA THR B 7 4.91 11.79 19.23
C THR B 7 5.07 10.63 18.26
N LEU B 8 4.51 9.47 18.63
CA LEU B 8 4.35 8.35 17.70
C LEU B 8 2.88 8.30 17.30
N PRO B 9 2.57 7.77 16.11
CA PRO B 9 1.15 7.48 15.86
C PRO B 9 0.72 6.35 16.81
N ILE B 10 -0.58 6.29 17.10
CA ILE B 10 -1.12 5.26 17.99
C ILE B 10 -1.69 4.15 17.12
N LEU B 11 -0.89 3.10 16.92
CA LEU B 11 -1.25 2.01 16.01
C LEU B 11 -0.79 0.68 16.59
N THR B 12 -1.64 -0.33 16.51
CA THR B 12 -1.28 -1.68 16.95
C THR B 12 -0.43 -2.38 15.90
N ILE B 13 0.06 -3.57 16.25
CA ILE B 13 0.94 -4.36 15.40
C ILE B 13 0.27 -4.75 14.08
N SER B 14 -1.06 -4.86 14.08
CA SER B 14 -1.79 -5.22 12.87
C SER B 14 -2.23 -4.00 12.06
N GLU B 15 -1.86 -2.81 12.54
CA GLU B 15 -2.17 -1.56 11.84
C GLU B 15 -0.91 -0.88 11.31
N LEU B 16 0.11 -1.69 11.01
CA LEU B 16 1.39 -1.18 10.50
C LEU B 16 1.78 -1.80 9.18
N THR B 17 2.38 -0.99 8.30
CA THR B 17 2.82 -1.45 6.99
C THR B 17 4.34 -1.50 6.91
N ASN B 18 4.85 -2.59 6.32
CA ASN B 18 6.28 -2.69 6.06
C ASN B 18 6.71 -1.58 5.11
N SER B 19 7.81 -0.92 5.44
CA SER B 19 8.30 0.20 4.63
C SER B 19 9.23 -0.24 3.50
N ARG B 20 9.58 -1.53 3.48
CA ARG B 20 10.48 -2.07 2.46
C ARG B 20 9.77 -2.95 1.43
N PHE B 21 8.51 -3.29 1.73
CA PHE B 21 7.66 -4.07 0.83
C PHE B 21 6.20 -3.81 1.20
N PRO B 22 5.32 -3.64 0.20
CA PRO B 22 3.95 -3.18 0.50
C PRO B 22 3.05 -4.30 1.04
N ILE B 23 3.33 -4.72 2.27
CA ILE B 23 2.54 -5.73 2.98
C ILE B 23 2.52 -5.35 4.46
N PRO B 24 1.52 -5.83 5.22
CA PRO B 24 1.45 -5.48 6.64
C PRO B 24 2.62 -6.05 7.44
N ILE B 25 3.00 -5.36 8.51
CA ILE B 25 3.88 -5.91 9.53
C ILE B 25 3.13 -7.04 10.23
N GLU B 26 3.85 -8.14 10.49
CA GLU B 26 3.27 -9.30 11.15
C GLU B 26 3.69 -9.42 12.60
N GLN B 27 4.93 -9.02 12.89
CA GLN B 27 5.47 -9.15 14.24
C GLN B 27 6.69 -8.25 14.47
N LEU B 28 7.00 -8.07 15.75
CA LEU B 28 8.24 -7.44 16.18
C LEU B 28 9.26 -8.54 16.38
N TYR B 29 10.49 -8.30 15.93
CA TYR B 29 11.53 -9.31 15.94
C TYR B 29 12.87 -8.69 16.26
N THR B 30 13.59 -9.29 17.18
CA THR B 30 14.95 -8.84 17.49
C THR B 30 15.98 -9.92 17.21
N ALA B 31 17.15 -9.52 16.74
CA ALA B 31 18.26 -10.44 16.49
C ALA B 31 19.57 -9.65 16.44
N PRO B 32 20.71 -10.33 16.75
CA PRO B 32 22.01 -9.66 16.60
C PRO B 32 22.32 -9.45 15.12
N ASN B 33 23.12 -8.44 14.81
CA ASN B 33 23.47 -8.15 13.42
C ASN B 33 24.31 -9.26 12.79
N GLU B 34 25.16 -9.89 13.60
CA GLU B 34 26.09 -10.91 13.14
C GLU B 34 26.92 -10.36 11.97
N ASN B 35 26.85 -11.02 10.81
CA ASN B 35 27.60 -10.59 9.63
C ASN B 35 26.80 -9.68 8.69
N ASN B 36 25.54 -9.44 9.01
CA ASN B 36 24.70 -8.52 8.22
C ASN B 36 25.08 -7.07 8.44
N VAL B 37 25.17 -6.32 7.35
CA VAL B 37 25.27 -4.87 7.42
C VAL B 37 23.86 -4.33 7.21
N VAL B 38 23.30 -3.72 8.26
CA VAL B 38 21.93 -3.19 8.21
C VAL B 38 21.95 -1.80 7.59
N GLN B 39 21.65 -1.74 6.29
CA GLN B 39 21.71 -0.48 5.56
C GLN B 39 20.63 -0.38 4.49
N CYS B 40 19.41 -0.79 4.85
CA CYS B 40 18.27 -0.69 3.95
C CYS B 40 18.03 0.76 3.58
N GLN B 41 17.40 0.98 2.44
CA GLN B 41 17.25 2.32 1.88
C GLN B 41 15.81 2.83 1.85
N ASN B 42 14.86 1.89 1.93
CA ASN B 42 13.45 2.22 2.11
C ASN B 42 13.11 2.16 3.61
N GLY B 43 12.17 2.99 4.02
CA GLY B 43 11.81 3.10 5.43
C GLY B 43 12.87 3.78 6.26
N ARG B 44 13.55 4.77 5.67
CA ARG B 44 14.59 5.52 6.37
C ARG B 44 14.18 6.98 6.53
N CYS B 45 14.12 7.42 7.79
CA CYS B 45 13.65 8.74 8.14
C CYS B 45 14.13 9.08 9.55
N THR B 46 14.66 10.28 9.73
CA THR B 46 15.04 10.75 11.07
C THR B 46 13.78 11.05 11.88
N LEU B 47 13.92 11.15 13.20
CA LEU B 47 12.76 11.40 14.06
C LEU B 47 12.19 12.78 13.83
N ASP B 48 13.02 13.70 13.33
CA ASP B 48 12.55 15.04 13.01
C ASP B 48 12.04 15.22 11.57
N GLY B 49 11.91 14.10 10.86
CA GLY B 49 11.17 14.08 9.59
C GLY B 49 11.95 14.23 8.31
N GLU B 50 13.25 13.94 8.35
CA GLU B 50 14.05 13.97 7.14
C GLU B 50 14.11 12.58 6.52
N LEU B 51 13.53 12.46 5.33
CA LEU B 51 13.57 11.20 4.57
C LEU B 51 14.98 10.94 4.06
N GLN B 52 15.37 9.67 4.02
CA GLN B 52 16.71 9.30 3.55
C GLN B 52 16.65 8.17 2.54
N GLY B 53 17.78 7.92 1.87
CA GLY B 53 17.90 6.83 0.92
C GLY B 53 16.92 6.96 -0.23
N THR B 54 16.16 5.89 -0.49
CA THR B 54 15.15 5.89 -1.54
C THR B 54 13.73 6.03 -0.95
N THR B 55 13.65 6.54 0.28
CA THR B 55 12.40 6.58 1.01
C THR B 55 11.45 7.66 0.52
N GLN B 56 10.21 7.25 0.24
CA GLN B 56 9.12 8.16 -0.02
C GLN B 56 7.89 7.74 0.81
N LEU B 57 6.76 8.42 0.63
CA LEU B 57 5.61 8.29 1.55
C LEU B 57 4.60 7.18 1.22
N LEU B 58 4.57 6.71 -0.02
CA LEU B 58 3.51 5.80 -0.46
C LEU B 58 3.92 4.34 -0.48
N SER B 59 3.18 3.52 0.24
CA SER B 59 3.37 2.06 0.17
C SER B 59 3.24 1.52 -1.26
N SER B 60 2.32 2.11 -2.04
CA SER B 60 2.08 1.68 -3.42
C SER B 60 3.26 1.98 -4.35
N ALA B 61 4.26 2.69 -3.84
CA ALA B 61 5.45 3.00 -4.63
C ALA B 61 6.65 2.11 -4.27
N VAL B 62 6.56 1.41 -3.14
CA VAL B 62 7.66 0.60 -2.64
C VAL B 62 7.78 -0.69 -3.45
N CYS B 63 8.96 -0.90 -4.04
CA CYS B 63 9.21 -1.99 -5.01
C CYS B 63 8.28 -1.92 -6.22
N SER B 64 7.78 -0.71 -6.51
CA SER B 64 7.03 -0.46 -7.73
C SER B 64 7.92 0.30 -8.69
N TYR B 65 7.73 0.07 -9.99
CA TYR B 65 8.43 0.83 -11.03
C TYR B 65 7.46 1.32 -12.08
N ARG B 66 7.74 2.50 -12.64
CA ARG B 66 6.99 3.01 -13.77
C ARG B 66 7.95 3.51 -14.83
N GLY B 67 7.52 3.45 -16.08
CA GLY B 67 8.30 3.98 -17.18
C GLY B 67 7.81 3.50 -18.52
N ARG B 68 8.74 3.42 -19.48
CA ARG B 68 8.42 2.98 -20.82
C ARG B 68 9.32 1.81 -21.19
N THR B 69 8.74 0.78 -21.78
CA THR B 69 9.51 -0.40 -22.17
C THR B 69 10.32 -0.14 -23.44
N VAL B 70 11.52 -0.74 -23.49
CA VAL B 70 12.28 -0.82 -24.75
C VAL B 70 12.69 -2.27 -24.97
N ALA B 71 12.67 -2.71 -26.21
CA ALA B 71 13.10 -4.06 -26.53
C ALA B 71 14.59 -4.21 -26.21
N ASN B 72 14.95 -5.39 -25.70
CA ASN B 72 16.34 -5.72 -25.46
C ASN B 72 16.66 -7.02 -26.19
N SER B 73 17.09 -6.89 -27.44
CA SER B 73 17.28 -8.06 -28.30
C SER B 73 18.52 -8.87 -27.92
N GLY B 74 18.51 -10.15 -28.27
CA GLY B 74 19.68 -11.00 -28.08
C GLY B 74 19.96 -11.39 -26.64
N ASP B 75 18.92 -11.40 -25.82
CA ASP B 75 19.07 -11.66 -24.40
C ASP B 75 17.99 -12.63 -23.91
N ASN B 76 18.41 -13.79 -23.43
CA ASN B 76 17.47 -14.78 -22.90
C ASN B 76 16.94 -14.46 -21.50
N TRP B 77 17.62 -13.55 -20.79
CA TRP B 77 17.14 -13.14 -19.48
C TRP B 77 16.26 -11.89 -19.57
N ASP B 78 16.89 -10.72 -19.70
CA ASP B 78 16.13 -9.48 -19.84
C ASP B 78 15.75 -9.28 -21.30
N GLN B 79 14.53 -9.65 -21.67
CA GLN B 79 14.09 -9.52 -23.08
C GLN B 79 13.64 -8.10 -23.38
N ASN B 80 13.39 -7.33 -22.33
CA ASN B 80 13.02 -5.91 -22.44
C ASN B 80 13.62 -5.14 -21.28
N LEU B 81 13.76 -3.83 -21.47
CA LEU B 81 14.17 -2.94 -20.38
C LEU B 81 13.01 -1.99 -20.05
N LEU B 82 13.02 -1.48 -18.82
CA LEU B 82 12.07 -0.43 -18.44
C LEU B 82 12.84 0.85 -18.19
N GLN B 83 12.53 1.88 -18.98
CA GLN B 83 13.17 3.18 -18.82
C GLN B 83 12.36 3.95 -17.79
N LEU B 84 12.97 4.21 -16.64
CA LEU B 84 12.25 4.61 -15.42
C LEU B 84 11.86 6.09 -15.30
N THR B 85 10.73 6.32 -14.65
CA THR B 85 10.38 7.60 -14.06
C THR B 85 10.41 7.36 -12.54
N TYR B 86 10.17 8.40 -11.74
CA TYR B 86 9.81 8.15 -10.34
C TYR B 86 8.50 7.38 -10.33
N PRO B 87 8.24 6.60 -9.25
CA PRO B 87 6.99 5.85 -9.25
C PRO B 87 5.73 6.73 -9.22
N SER B 88 5.89 7.99 -8.83
CA SER B 88 4.79 8.96 -8.91
C SER B 88 4.44 9.27 -10.37
N GLY B 89 5.40 9.04 -11.26
CA GLY B 89 5.28 9.43 -12.68
C GLY B 89 6.12 10.64 -13.02
N ALA B 90 6.64 11.32 -12.00
CA ALA B 90 7.53 12.47 -12.22
C ALA B 90 8.79 12.02 -12.97
N SER B 91 9.27 12.84 -13.90
CA SER B 91 10.46 12.46 -14.67
C SER B 91 11.69 12.28 -13.76
N TYR B 92 12.54 11.32 -14.12
CA TYR B 92 13.70 10.98 -13.32
C TYR B 92 15.00 11.41 -14.01
N ASP B 93 15.86 12.09 -13.26
CA ASP B 93 17.16 12.50 -13.75
C ASP B 93 18.23 11.79 -12.94
N PRO B 94 19.10 11.00 -13.59
CA PRO B 94 20.17 10.26 -12.90
C PRO B 94 21.05 11.12 -11.98
N THR B 95 21.12 12.41 -12.26
CA THR B 95 21.87 13.36 -11.41
C THR B 95 21.11 13.79 -10.15
N ASP B 96 19.86 13.36 -10.00
CA ASP B 96 19.13 13.61 -8.75
C ASP B 96 19.89 12.97 -7.60
N GLU B 97 19.90 13.64 -6.46
CA GLU B 97 20.69 13.20 -5.30
C GLU B 97 20.00 12.07 -4.55
N VAL B 98 19.82 10.94 -5.24
CA VAL B 98 19.17 9.75 -4.71
C VAL B 98 19.99 8.51 -5.12
N PRO B 99 19.91 7.42 -4.33
CA PRO B 99 20.60 6.20 -4.76
C PRO B 99 20.01 5.64 -6.06
N ALA B 100 18.72 5.88 -6.24
CA ALA B 100 17.91 5.35 -7.35
C ALA B 100 16.55 6.04 -7.21
N PRO B 101 15.66 5.87 -8.22
CA PRO B 101 14.33 6.46 -8.06
C PRO B 101 13.71 5.97 -6.76
N LEU B 102 13.00 6.86 -6.08
CA LEU B 102 12.39 6.54 -4.79
C LEU B 102 11.59 5.24 -4.89
N GLY B 103 11.63 4.41 -3.85
CA GLY B 103 10.90 3.15 -3.85
C GLY B 103 11.58 1.94 -4.50
N THR B 104 12.69 2.17 -5.20
CA THR B 104 13.50 1.07 -5.80
C THR B 104 13.78 0.00 -4.75
N GLN B 105 13.71 -1.28 -5.12
CA GLN B 105 14.03 -2.38 -4.18
C GLN B 105 15.42 -2.20 -3.55
N ASP B 106 15.54 -2.50 -2.26
CA ASP B 106 16.79 -2.27 -1.53
C ASP B 106 17.43 -3.56 -1.03
N PHE B 107 17.15 -4.65 -1.73
CA PHE B 107 17.71 -5.96 -1.43
C PHE B 107 18.23 -6.60 -2.71
N ARG B 108 19.26 -7.44 -2.54
CA ARG B 108 19.81 -8.23 -3.63
C ARG B 108 18.94 -9.46 -3.85
N GLY B 109 18.71 -9.78 -5.12
CA GLY B 109 17.92 -10.94 -5.50
C GLY B 109 16.86 -10.63 -6.55
N ILE B 110 15.85 -11.48 -6.60
CA ILE B 110 14.80 -11.37 -7.61
C ILE B 110 13.50 -10.83 -7.03
N LEU B 111 13.01 -9.74 -7.62
CA LEU B 111 11.70 -9.20 -7.33
C LEU B 111 10.74 -9.69 -8.41
N TYR B 112 9.61 -10.25 -7.98
CA TYR B 112 8.59 -10.70 -8.92
C TYR B 112 7.36 -9.80 -8.83
N GLY B 113 6.78 -9.52 -9.99
CA GLY B 113 5.52 -8.79 -10.02
C GLY B 113 4.91 -8.82 -11.39
N VAL B 114 3.88 -7.99 -11.57
CA VAL B 114 3.15 -7.95 -12.82
C VAL B 114 3.30 -6.59 -13.49
N LEU B 115 3.70 -6.63 -14.76
CA LEU B 115 3.74 -5.43 -15.59
C LEU B 115 2.42 -5.29 -16.33
N THR B 116 1.84 -4.10 -16.25
CA THR B 116 0.64 -3.77 -17.02
C THR B 116 0.95 -2.62 -17.98
N GLN B 117 0.35 -2.68 -19.16
CA GLN B 117 0.69 -1.76 -20.25
C GLN B 117 -0.60 -1.22 -20.89
N ASP B 118 -0.55 -0.90 -22.19
CA ASP B 118 -1.73 -0.45 -22.92
C ASP B 118 -2.84 -1.49 -22.79
N ASN B 119 -4.04 -1.02 -22.49
CA ASN B 119 -5.24 -1.85 -22.45
C ASN B 119 -5.49 -2.56 -23.77
N VAL B 120 -5.93 -3.81 -23.69
CA VAL B 120 -6.26 -4.61 -24.88
C VAL B 120 -7.76 -4.91 -24.93
N SER B 121 -8.26 -5.27 -26.12
CA SER B 121 -9.70 -5.55 -26.27
C SER B 121 -10.10 -6.78 -25.44
N GLU B 122 -11.38 -6.82 -25.06
CA GLU B 122 -11.97 -7.95 -24.33
C GLU B 122 -11.69 -9.28 -25.02
N GLY B 123 -11.84 -9.30 -26.34
CA GLY B 123 -11.64 -10.53 -27.13
C GLY B 123 -10.22 -11.07 -27.19
N THR B 124 -9.25 -10.28 -26.73
CA THR B 124 -7.85 -10.73 -26.71
C THR B 124 -7.66 -11.90 -25.74
N GLY B 125 -8.46 -11.92 -24.67
CA GLY B 125 -8.48 -13.06 -23.76
C GLY B 125 -8.15 -12.66 -22.34
N GLU B 126 -8.07 -13.65 -21.46
CA GLU B 126 -7.94 -13.39 -20.03
C GLU B 126 -6.55 -12.91 -19.64
N ALA B 127 -6.52 -11.79 -18.92
CA ALA B 127 -5.28 -11.23 -18.34
C ALA B 127 -4.13 -11.13 -19.35
N LYS B 128 -4.44 -10.76 -20.58
CA LYS B 128 -3.42 -10.62 -21.62
C LYS B 128 -2.56 -9.38 -21.40
N ASN B 129 -3.12 -8.38 -20.73
CA ASN B 129 -2.35 -7.19 -20.33
C ASN B 129 -1.84 -7.31 -18.89
N ALA B 130 -1.31 -8.49 -18.56
CA ALA B 130 -0.72 -8.74 -17.27
C ALA B 130 0.50 -9.62 -17.51
N LYS B 131 1.69 -9.03 -17.32
CA LYS B 131 2.92 -9.72 -17.69
C LYS B 131 3.77 -10.02 -16.46
N GLY B 132 3.88 -11.31 -16.13
CA GLY B 132 4.68 -11.75 -14.99
C GLY B 132 6.14 -11.61 -15.30
N VAL B 133 6.88 -10.86 -14.48
CA VAL B 133 8.29 -10.58 -14.73
C VAL B 133 9.17 -10.72 -13.49
N TYR B 134 10.43 -11.11 -13.71
CA TYR B 134 11.46 -11.07 -12.70
C TYR B 134 12.34 -9.84 -12.91
N ILE B 135 12.57 -9.10 -11.83
CA ILE B 135 13.55 -8.02 -11.84
C ILE B 135 14.67 -8.45 -10.91
N SER B 136 15.78 -8.89 -11.51
CA SER B 136 16.95 -9.38 -10.77
C SER B 136 18.03 -8.32 -10.64
N THR B 137 18.56 -8.17 -9.42
CA THR B 137 19.64 -7.21 -9.17
C THR B 137 21.01 -7.73 -9.65
N THR B 138 21.11 -9.04 -9.90
CA THR B 138 22.38 -9.62 -10.36
C THR B 138 22.53 -9.51 -11.89
N SER B 139 21.44 -9.16 -12.57
CA SER B 139 21.50 -8.80 -13.98
C SER B 139 22.30 -7.51 -14.15
N GLY B 140 23.16 -7.49 -15.18
CA GLY B 140 23.90 -6.28 -15.56
C GLY B 140 22.99 -5.17 -16.04
N LYS B 141 21.73 -5.51 -16.31
CA LYS B 141 20.74 -4.53 -16.73
C LYS B 141 20.04 -3.84 -15.54
N PHE B 142 20.32 -4.28 -14.33
CA PHE B 142 19.74 -3.62 -13.16
C PHE B 142 20.52 -2.35 -12.84
N THR B 143 20.08 -1.24 -13.43
CA THR B 143 20.76 0.04 -13.28
C THR B 143 19.79 1.19 -13.00
N PRO B 144 18.93 1.05 -11.96
CA PRO B 144 17.90 2.08 -11.72
C PRO B 144 18.46 3.50 -11.51
N LYS B 145 19.65 3.61 -10.94
CA LYS B 145 20.29 4.93 -10.79
C LYS B 145 20.48 5.60 -12.16
N ILE B 146 20.82 4.80 -13.16
CA ILE B 146 21.07 5.27 -14.51
C ILE B 146 19.76 5.51 -15.26
N GLY B 147 18.68 4.96 -14.73
CA GLY B 147 17.33 5.21 -15.25
C GLY B 147 16.75 4.01 -15.99
N SER B 148 17.33 2.83 -15.82
CA SER B 148 16.89 1.67 -16.58
C SER B 148 17.05 0.38 -15.80
N ILE B 149 16.04 -0.49 -15.87
CA ILE B 149 16.16 -1.84 -15.27
C ILE B 149 15.78 -2.93 -16.27
N GLY B 150 16.26 -4.15 -16.02
CA GLY B 150 15.94 -5.30 -16.87
C GLY B 150 14.68 -6.04 -16.45
N LEU B 151 13.88 -6.43 -17.45
CA LEU B 151 12.67 -7.25 -17.21
C LEU B 151 12.81 -8.64 -17.81
N HIS B 152 12.74 -9.65 -16.95
CA HIS B 152 12.75 -11.05 -17.40
C HIS B 152 11.34 -11.64 -17.41
N SER B 153 10.82 -11.86 -18.60
CA SER B 153 9.45 -12.33 -18.77
C SER B 153 9.29 -13.79 -18.35
N ILE B 154 8.17 -14.08 -17.71
CA ILE B 154 7.80 -15.44 -17.31
C ILE B 154 6.44 -15.86 -17.90
N THR B 155 5.45 -14.97 -17.81
CA THR B 155 4.12 -15.19 -18.38
C THR B 155 3.63 -13.97 -19.16
N GLU B 156 3.17 -14.22 -20.39
CA GLU B 156 2.66 -13.21 -21.31
C GLU B 156 3.74 -12.29 -21.88
N ASN B 157 3.56 -11.89 -23.14
CA ASN B 157 4.56 -11.10 -23.84
C ASN B 157 4.52 -9.63 -23.46
N VAL B 158 5.67 -9.07 -23.12
CA VAL B 158 5.82 -7.64 -22.85
C VAL B 158 5.92 -6.90 -24.18
N HIS B 159 5.12 -5.84 -24.32
CA HIS B 159 5.18 -5.01 -25.52
C HIS B 159 6.27 -3.98 -25.33
N PRO B 160 7.21 -3.88 -26.30
CA PRO B 160 8.16 -2.79 -26.21
C PRO B 160 7.44 -1.49 -26.54
N ASN B 161 8.03 -0.36 -26.16
CA ASN B 161 7.53 0.92 -26.60
C ASN B 161 6.14 1.28 -26.04
N GLN B 162 5.89 0.92 -24.77
CA GLN B 162 4.61 1.26 -24.13
C GLN B 162 4.83 1.74 -22.72
N GLN B 163 4.00 2.70 -22.30
CA GLN B 163 3.96 3.15 -20.90
C GLN B 163 3.52 1.99 -20.04
N SER B 164 4.27 1.73 -18.97
CA SER B 164 4.11 0.49 -18.22
C SER B 164 4.23 0.72 -16.73
N ARG B 165 3.50 -0.09 -15.96
CA ARG B 165 3.56 -0.05 -14.51
C ARG B 165 3.93 -1.44 -14.04
N PHE B 166 4.86 -1.51 -13.08
CA PHE B 166 5.19 -2.77 -12.43
C PHE B 166 4.62 -2.76 -11.02
N THR B 167 3.78 -3.73 -10.73
CA THR B 167 3.19 -3.88 -9.41
C THR B 167 3.86 -5.08 -8.75
N PRO B 168 4.49 -4.88 -7.58
CA PRO B 168 5.22 -5.98 -6.96
C PRO B 168 4.29 -7.01 -6.32
N VAL B 169 4.69 -8.27 -6.34
CA VAL B 169 3.91 -9.32 -5.69
C VAL B 169 4.75 -10.02 -4.62
N GLY B 170 6.00 -10.33 -4.92
CA GLY B 170 6.87 -10.97 -3.94
C GLY B 170 8.28 -11.09 -4.43
N VAL B 171 9.03 -11.99 -3.81
CA VAL B 171 10.41 -12.24 -4.20
C VAL B 171 10.53 -13.63 -4.81
N ALA B 172 11.71 -13.93 -5.34
CA ALA B 172 12.00 -15.28 -5.83
C ALA B 172 13.47 -15.57 -5.68
N GLN B 173 13.76 -16.86 -5.59
CA GLN B 173 15.10 -17.36 -5.49
C GLN B 173 15.20 -18.49 -6.49
N ASN B 174 16.02 -18.30 -7.52
CA ASN B 174 16.29 -19.40 -8.45
C ASN B 174 17.61 -20.09 -8.09
N GLU B 175 18.01 -21.05 -8.92
CA GLU B 175 19.17 -21.89 -8.62
C GLU B 175 20.48 -21.13 -8.29
N ASN B 176 20.62 -19.90 -8.81
CA ASN B 176 21.86 -19.15 -8.59
C ASN B 176 21.69 -17.69 -8.15
N THR B 177 20.50 -17.33 -7.66
CA THR B 177 20.24 -15.96 -7.19
C THR B 177 19.55 -15.98 -5.83
N PRO B 178 20.33 -16.03 -4.75
CA PRO B 178 19.74 -16.00 -3.41
C PRO B 178 19.12 -14.64 -3.06
N PHE B 179 18.01 -14.68 -2.31
CA PHE B 179 17.38 -13.48 -1.80
C PHE B 179 18.13 -13.04 -0.55
N GLN B 180 18.77 -11.87 -0.62
CA GLN B 180 19.62 -11.39 0.48
C GLN B 180 19.15 -10.01 0.91
N GLN B 181 18.31 -9.96 1.95
CA GLN B 181 17.62 -8.71 2.31
C GLN B 181 18.53 -7.61 2.86
N TRP B 182 19.73 -8.00 3.33
CA TRP B 182 20.66 -7.02 3.89
C TRP B 182 21.85 -6.69 2.98
N VAL B 183 21.81 -7.18 1.74
CA VAL B 183 22.84 -6.82 0.76
C VAL B 183 22.22 -5.86 -0.24
N LEU B 184 22.70 -4.62 -0.24
CA LEU B 184 22.19 -3.61 -1.16
C LEU B 184 22.47 -4.00 -2.61
N PRO B 185 21.55 -3.65 -3.53
CA PRO B 185 21.83 -3.81 -4.95
C PRO B 185 22.98 -2.89 -5.37
N HIS B 186 23.57 -3.16 -6.53
CA HIS B 186 24.39 -2.16 -7.21
C HIS B 186 23.42 -1.33 -8.03
N TYR B 187 23.04 -0.17 -7.52
CA TYR B 187 22.01 0.66 -8.14
C TYR B 187 22.42 1.18 -9.53
N ALA B 188 23.73 1.30 -9.75
CA ALA B 188 24.23 1.67 -11.07
C ALA B 188 24.91 0.49 -11.78
N GLY B 189 24.55 -0.73 -11.36
CA GLY B 189 25.16 -1.94 -11.92
C GLY B 189 26.69 -1.89 -11.85
N ALA B 190 27.34 -2.23 -12.95
CA ALA B 190 28.80 -2.21 -13.02
C ALA B 190 29.36 -0.82 -13.35
N LEU B 191 28.49 0.17 -13.53
CA LEU B 191 28.90 1.47 -14.07
C LEU B 191 29.43 2.48 -13.04
N ALA B 192 28.89 2.45 -11.83
CA ALA B 192 29.26 3.42 -10.79
C ALA B 192 28.96 2.90 -9.40
N LEU B 193 29.71 3.40 -8.42
CA LEU B 193 29.48 3.08 -7.01
C LEU B 193 28.16 3.71 -6.55
N ASN B 194 27.44 2.99 -5.68
CA ASN B 194 26.24 3.53 -5.02
C ASN B 194 26.50 4.89 -4.42
N THR B 195 25.51 5.77 -4.52
CA THR B 195 25.61 7.13 -4.00
C THR B 195 24.42 7.45 -3.13
N ASN B 196 24.56 8.49 -2.31
CA ASN B 196 23.44 9.08 -1.57
C ASN B 196 22.76 8.12 -0.59
N LEU B 197 23.51 7.14 -0.09
CA LEU B 197 22.95 6.11 0.78
C LEU B 197 22.65 6.63 2.17
N ALA B 198 21.50 6.21 2.71
CA ALA B 198 21.23 6.35 4.13
C ALA B 198 22.23 5.44 4.85
N PRO B 199 22.78 5.90 5.99
CA PRO B 199 23.91 5.20 6.60
C PRO B 199 23.54 3.85 7.21
N ALA B 200 24.54 2.98 7.36
CA ALA B 200 24.37 1.69 8.02
C ALA B 200 24.04 1.91 9.50
N VAL B 201 23.35 0.94 10.08
CA VAL B 201 22.91 1.00 11.47
C VAL B 201 23.43 -0.22 12.24
N ALA B 202 23.99 0.03 13.42
CA ALA B 202 24.47 -1.03 14.33
C ALA B 202 24.14 -0.72 15.79
N PRO B 203 23.72 -1.73 16.57
CA PRO B 203 23.41 -1.54 18.00
C PRO B 203 24.64 -1.70 18.91
N THR B 204 25.53 -0.70 18.89
CA THR B 204 26.81 -0.77 19.62
C THR B 204 26.69 -0.91 21.15
N PHE B 205 25.53 -0.55 21.70
CA PHE B 205 25.30 -0.49 23.14
C PHE B 205 25.29 -1.88 23.79
N PRO B 206 25.95 -2.04 24.95
CA PRO B 206 26.02 -3.34 25.63
C PRO B 206 24.65 -3.95 25.90
N GLY B 207 24.48 -5.21 25.51
CA GLY B 207 23.25 -5.96 25.73
C GLY B 207 22.08 -5.59 24.82
N GLU B 208 22.31 -4.70 23.87
CA GLU B 208 21.22 -4.24 23.00
C GLU B 208 21.30 -4.85 21.61
N GLN B 209 20.13 -5.01 21.00
CA GLN B 209 19.98 -5.42 19.61
C GLN B 209 18.95 -4.54 18.92
N LEU B 210 19.02 -4.49 17.58
CA LEU B 210 17.98 -3.85 16.80
C LEU B 210 16.64 -4.57 17.01
N LEU B 211 15.57 -3.78 17.04
CA LEU B 211 14.21 -4.30 16.96
C LEU B 211 13.67 -4.01 15.56
N PHE B 212 13.21 -5.07 14.89
CA PHE B 212 12.72 -4.96 13.51
C PHE B 212 11.21 -5.12 13.44
N PHE B 213 10.61 -4.47 12.45
CA PHE B 213 9.21 -4.69 12.10
C PHE B 213 9.23 -5.71 10.96
N ARG B 214 8.76 -6.91 11.26
CA ARG B 214 8.97 -8.07 10.39
C ARG B 214 7.71 -8.42 9.61
N SER B 215 7.91 -8.75 8.34
CA SER B 215 6.87 -9.33 7.48
C SER B 215 7.43 -10.53 6.74
N ARG B 216 6.55 -11.46 6.40
CA ARG B 216 6.91 -12.54 5.48
C ARG B 216 6.48 -12.11 4.08
N VAL B 217 7.46 -11.98 3.17
CA VAL B 217 7.17 -11.61 1.78
C VAL B 217 6.82 -12.88 0.99
N PRO B 218 5.75 -12.84 0.17
CA PRO B 218 5.48 -14.01 -0.68
C PRO B 218 6.70 -14.36 -1.50
N CYS B 219 6.99 -15.65 -1.63
CA CYS B 219 8.13 -16.09 -2.43
C CYS B 219 7.60 -17.02 -3.52
N VAL B 220 7.75 -16.60 -4.78
CA VAL B 220 7.10 -17.28 -5.89
C VAL B 220 7.94 -18.41 -6.49
N GLN B 221 9.18 -18.53 -6.02
CA GLN B 221 10.09 -19.59 -6.43
C GLN B 221 11.15 -19.76 -5.36
N GLY B 222 11.32 -20.98 -4.87
CA GLY B 222 12.36 -21.28 -3.90
C GLY B 222 11.91 -21.12 -2.46
N LEU B 223 12.86 -21.31 -1.55
CA LEU B 223 12.63 -21.25 -0.11
C LEU B 223 11.48 -22.16 0.34
N ARG B 224 11.43 -23.36 -0.24
CA ARG B 224 10.47 -24.38 0.18
C ARG B 224 10.67 -24.65 1.67
N GLY B 225 9.58 -24.62 2.43
CA GLY B 225 9.64 -24.91 3.87
C GLY B 225 10.32 -23.84 4.70
N GLN B 226 10.58 -22.69 4.08
CA GLN B 226 11.24 -21.54 4.72
C GLN B 226 10.42 -20.27 4.49
N ASP B 227 10.75 -19.21 5.21
CA ASP B 227 10.10 -17.93 5.03
C ASP B 227 11.04 -16.90 4.45
N ALA B 228 10.56 -16.18 3.43
CA ALA B 228 11.27 -15.02 2.94
C ALA B 228 10.88 -13.86 3.84
N PHE B 229 11.76 -13.48 4.76
CA PHE B 229 11.49 -12.36 5.66
C PHE B 229 11.99 -11.06 5.07
N ILE B 230 11.21 -10.00 5.23
CA ILE B 230 11.70 -8.64 5.01
C ILE B 230 11.49 -7.84 6.29
N ASP B 231 12.60 -7.36 6.83
CA ASP B 231 12.62 -6.66 8.12
C ASP B 231 12.92 -5.18 7.90
N CYS B 232 12.08 -4.32 8.45
CA CYS B 232 12.31 -2.87 8.33
C CYS B 232 12.59 -2.22 9.69
N LEU B 233 13.22 -1.05 9.65
CA LEU B 233 13.60 -0.33 10.86
C LEU B 233 12.46 0.55 11.39
N LEU B 234 11.60 1.00 10.48
CA LEU B 234 10.43 1.80 10.82
C LEU B 234 9.29 1.38 9.93
N PRO B 235 8.06 1.28 10.48
CA PRO B 235 6.91 1.07 9.59
C PRO B 235 6.64 2.33 8.78
N GLN B 236 5.98 2.16 7.64
CA GLN B 236 5.69 3.30 6.75
C GLN B 236 4.94 4.42 7.49
N GLU B 237 4.02 4.03 8.37
CA GLU B 237 3.21 5.00 9.11
C GLU B 237 4.05 5.86 10.07
N TRP B 238 5.15 5.33 10.57
CA TRP B 238 6.07 6.09 11.42
C TRP B 238 6.85 7.08 10.56
N VAL B 239 7.39 6.60 9.45
CA VAL B 239 8.07 7.48 8.48
C VAL B 239 7.17 8.68 8.14
N ASN B 240 5.93 8.39 7.73
CA ASN B 240 4.99 9.44 7.31
C ASN B 240 4.61 10.38 8.44
N HIS B 241 4.49 9.85 9.65
CA HIS B 241 4.19 10.65 10.83
C HIS B 241 5.30 11.65 11.11
N PHE B 242 6.55 11.17 11.11
CA PHE B 242 7.69 12.05 11.42
C PHE B 242 7.82 13.10 10.33
N TYR B 243 7.59 12.69 9.08
CA TYR B 243 7.57 13.63 7.96
C TYR B 243 6.55 14.75 8.17
N GLN B 244 5.33 14.37 8.56
CA GLN B 244 4.25 15.33 8.83
C GLN B 244 4.56 16.24 10.01
N GLU B 245 5.00 15.64 11.12
CA GLU B 245 5.18 16.37 12.38
C GLU B 245 6.42 17.26 12.39
N ALA B 246 7.53 16.74 11.90
CA ALA B 246 8.83 17.44 11.95
C ALA B 246 9.13 18.01 13.35
N ALA B 247 8.86 17.22 14.37
CA ALA B 247 9.13 17.63 15.74
C ALA B 247 10.64 17.58 15.97
N PRO B 248 11.23 18.66 16.53
CA PRO B 248 12.67 18.67 16.74
C PRO B 248 13.08 17.58 17.72
N SER B 249 14.16 16.85 17.41
CA SER B 249 14.70 15.86 18.33
C SER B 249 15.46 16.56 19.46
N GLN B 250 15.11 16.23 20.71
CA GLN B 250 15.67 16.92 21.86
C GLN B 250 16.89 16.22 22.48
N ALA B 251 17.16 15.00 22.01
CA ALA B 251 18.32 14.21 22.40
C ALA B 251 18.56 13.14 21.33
N ASP B 252 19.65 12.40 21.47
CA ASP B 252 19.99 11.31 20.54
C ASP B 252 19.03 10.13 20.67
N VAL B 253 18.39 10.00 21.82
CA VAL B 253 17.57 8.84 22.13
C VAL B 253 16.22 9.21 22.75
N ALA B 254 15.14 8.69 22.16
CA ALA B 254 13.80 8.76 22.73
C ALA B 254 13.44 7.42 23.37
N LEU B 255 13.03 7.47 24.64
CA LEU B 255 12.57 6.25 25.31
C LEU B 255 11.12 6.02 24.88
N ILE B 256 10.85 4.81 24.40
CA ILE B 256 9.50 4.46 23.98
C ILE B 256 9.05 3.21 24.73
N ARG B 257 7.75 3.11 24.95
CA ARG B 257 7.21 1.99 25.73
C ARG B 257 6.06 1.32 24.99
N TYR B 258 6.06 -0.01 24.98
CA TYR B 258 4.97 -0.77 24.41
C TYR B 258 3.95 -1.00 25.50
N VAL B 259 2.81 -0.30 25.40
CA VAL B 259 1.79 -0.34 26.45
C VAL B 259 0.54 -1.11 26.04
N ASN B 260 -0.07 -1.78 27.01
CA ASN B 260 -1.38 -2.38 26.83
C ASN B 260 -2.42 -1.43 27.43
N PRO B 261 -3.24 -0.80 26.56
CA PRO B 261 -4.25 0.16 27.03
C PRO B 261 -5.32 -0.49 27.91
N ASP B 262 -5.51 -1.80 27.74
CA ASP B 262 -6.54 -2.55 28.45
C ASP B 262 -6.14 -2.86 29.89
N THR B 263 -4.84 -2.95 30.14
CA THR B 263 -4.33 -3.18 31.50
C THR B 263 -3.62 -1.96 32.06
N GLY B 264 -3.12 -1.10 31.18
CA GLY B 264 -2.34 0.08 31.58
C GLY B 264 -0.86 -0.23 31.74
N ARG B 265 -0.50 -1.50 31.64
CA ARG B 265 0.86 -1.96 31.90
C ARG B 265 1.81 -1.74 30.72
N THR B 266 3.06 -1.45 31.04
CA THR B 266 4.13 -1.44 30.07
C THR B 266 4.65 -2.87 29.90
N LEU B 267 4.62 -3.37 28.67
CA LEU B 267 5.15 -4.69 28.39
C LEU B 267 6.67 -4.70 28.31
N PHE B 268 7.23 -3.73 27.59
CA PHE B 268 8.68 -3.57 27.51
C PHE B 268 8.99 -2.15 27.04
N GLU B 269 10.23 -1.72 27.24
CA GLU B 269 10.67 -0.42 26.73
C GLU B 269 11.77 -0.58 25.70
N ALA B 270 11.99 0.47 24.92
CA ALA B 270 12.95 0.44 23.85
C ALA B 270 13.51 1.84 23.63
N LYS B 271 14.65 1.90 22.96
CA LYS B 271 15.26 3.15 22.57
C LYS B 271 14.93 3.42 21.12
N LEU B 272 14.37 4.60 20.84
CA LEU B 272 14.15 5.03 19.47
C LEU B 272 15.16 6.13 19.16
N HIS B 273 16.11 5.78 18.29
CA HIS B 273 17.27 6.64 18.03
C HIS B 273 16.93 7.72 17.03
N ARG B 274 17.57 8.88 17.18
CA ARG B 274 17.19 10.04 16.36
C ARG B 274 17.34 9.82 14.85
N SER B 275 18.25 8.93 14.45
CA SER B 275 18.46 8.57 13.05
C SER B 275 17.35 7.66 12.49
N GLY B 276 16.47 7.16 13.36
CA GLY B 276 15.29 6.42 12.92
C GLY B 276 15.42 4.91 12.96
N PHE B 277 15.70 4.36 14.14
CA PHE B 277 15.71 2.91 14.36
C PHE B 277 15.58 2.62 15.85
N ILE B 278 15.22 1.39 16.18
CA ILE B 278 14.92 1.00 17.56
C ILE B 278 15.90 -0.04 18.06
N THR B 279 16.30 0.08 19.33
CA THR B 279 17.02 -0.99 20.00
C THR B 279 16.30 -1.45 21.26
N VAL B 280 16.49 -2.71 21.62
CA VAL B 280 15.94 -3.29 22.85
C VAL B 280 17.05 -3.98 23.62
N SER B 281 16.81 -4.19 24.91
CA SER B 281 17.75 -4.94 25.73
C SER B 281 17.39 -6.42 25.65
N HIS B 282 18.06 -7.13 24.75
CA HIS B 282 17.91 -8.58 24.62
C HIS B 282 19.12 -9.17 23.90
N THR B 283 19.34 -10.47 24.09
CA THR B 283 20.40 -11.18 23.42
C THR B 283 19.82 -12.43 22.77
N GLY B 284 20.04 -12.58 21.46
CA GLY B 284 19.55 -13.74 20.72
C GLY B 284 18.41 -13.37 19.76
N ALA B 285 18.19 -14.24 18.78
CA ALA B 285 17.07 -14.07 17.85
C ALA B 285 15.78 -14.37 18.59
N TYR B 286 14.81 -13.46 18.53
CA TYR B 286 13.54 -13.66 19.24
C TYR B 286 12.35 -12.95 18.60
N PRO B 287 11.32 -13.71 18.20
CA PRO B 287 10.06 -13.09 17.79
C PRO B 287 9.22 -12.69 19.01
N LEU B 288 8.87 -11.41 19.10
CA LEU B 288 8.09 -10.92 20.23
C LEU B 288 6.63 -11.31 20.12
N VAL B 289 6.00 -11.59 21.25
CA VAL B 289 4.55 -11.80 21.31
C VAL B 289 3.92 -10.61 22.03
N VAL B 290 3.27 -9.74 21.27
CA VAL B 290 2.60 -8.57 21.83
C VAL B 290 1.07 -8.75 21.82
N PRO B 291 0.36 -8.14 22.79
CA PRO B 291 -1.10 -8.18 22.79
C PRO B 291 -1.67 -7.42 21.58
N PRO B 292 -2.75 -7.93 20.97
CA PRO B 292 -3.28 -7.32 19.75
C PRO B 292 -3.67 -5.85 19.91
N ASN B 293 -3.97 -5.44 21.15
CA ASN B 293 -4.39 -4.08 21.42
C ASN B 293 -3.24 -3.15 21.82
N GLY B 294 -2.06 -3.70 22.02
CA GLY B 294 -0.90 -2.94 22.47
C GLY B 294 -0.35 -2.00 21.41
N HIS B 295 0.41 -0.99 21.85
CA HIS B 295 1.07 -0.06 20.93
C HIS B 295 2.24 0.65 21.58
N PHE B 296 3.18 1.08 20.75
CA PHE B 296 4.28 1.91 21.22
C PHE B 296 3.79 3.30 21.54
N ARG B 297 4.36 3.90 22.59
CA ARG B 297 4.15 5.30 22.87
C ARG B 297 5.45 5.97 23.30
N PHE B 298 5.61 7.23 22.91
CA PHE B 298 6.77 8.00 23.32
C PHE B 298 6.67 8.32 24.82
N ASP B 299 7.76 8.06 25.55
CA ASP B 299 7.81 8.35 26.98
C ASP B 299 8.54 9.66 27.27
N SER B 300 9.82 9.73 26.88
CA SER B 300 10.66 10.91 27.14
C SER B 300 11.98 10.82 26.37
N TRP B 301 12.67 11.96 26.28
CA TRP B 301 14.05 12.00 25.78
C TRP B 301 14.98 11.61 26.90
N VAL B 302 15.91 10.69 26.63
CA VAL B 302 16.76 10.20 27.70
C VAL B 302 18.24 10.40 27.41
N ASN B 303 19.04 10.33 28.47
CA ASN B 303 20.48 10.29 28.38
C ASN B 303 20.93 9.17 27.43
N GLN B 304 21.94 9.43 26.61
CA GLN B 304 22.40 8.46 25.60
C GLN B 304 22.87 7.10 26.18
N PHE B 305 23.19 7.11 27.47
CA PHE B 305 23.69 5.92 28.17
C PHE B 305 22.60 5.23 29.02
N TYR B 306 21.36 5.70 28.88
CA TYR B 306 20.23 5.12 29.59
C TYR B 306 20.24 3.60 29.46
N SER B 307 20.10 2.91 30.59
CA SER B 307 20.07 1.46 30.61
C SER B 307 18.61 0.97 30.56
N LEU B 308 18.26 0.25 29.49
CA LEU B 308 16.90 -0.25 29.29
C LEU B 308 16.60 -1.40 30.24
N ALA B 309 15.38 -1.44 30.75
CA ALA B 309 14.91 -2.65 31.45
C ALA B 309 14.90 -3.79 30.43
N PRO B 310 15.49 -4.96 30.79
CA PRO B 310 15.55 -6.07 29.86
C PRO B 310 14.20 -6.36 29.21
N MET B 311 14.21 -6.58 27.90
CA MET B 311 12.98 -6.80 27.14
C MET B 311 12.24 -8.02 27.66
N GLY B 312 12.97 -9.11 27.90
CA GLY B 312 12.38 -10.31 28.48
C GLY B 312 11.55 -11.08 27.47
N THR B 313 11.09 -12.27 27.88
CA THR B 313 10.29 -13.11 27.02
C THR B 313 8.96 -13.48 27.71
C1 GOL C . -19.91 9.54 -10.20
O1 GOL C . -21.18 10.16 -10.42
C2 GOL C . -18.81 10.35 -10.91
O2 GOL C . -18.91 10.15 -12.32
C3 GOL C . -17.44 9.89 -10.43
O3 GOL C . -17.20 8.54 -10.84
C1 GOL D . -18.25 -14.98 -13.68
O1 GOL D . -19.60 -14.96 -13.21
C2 GOL D . -18.15 -14.04 -14.88
O2 GOL D . -17.41 -12.87 -14.51
C3 GOL D . -17.48 -14.76 -16.04
O3 GOL D . -17.76 -14.04 -17.24
C1 GOL E . 20.08 -12.81 -13.71
O1 GOL E . 21.28 -12.41 -13.04
C2 GOL E . 19.42 -13.94 -12.92
O2 GOL E . 19.34 -13.58 -11.53
C3 GOL E . 20.22 -15.22 -13.11
O3 GOL E . 19.50 -16.31 -12.51
C1 GOL F . 17.00 -9.44 11.11
O1 GOL F . 16.88 -9.48 9.69
C2 GOL F . 18.40 -9.86 11.56
O2 GOL F . 18.63 -11.21 11.14
C3 GOL F . 19.48 -8.96 10.98
O3 GOL F . 20.76 -9.34 11.50
#